data_1FFW
#
_entry.id   1FFW
#
_cell.length_a   159.300
_cell.length_b   53.400
_cell.length_c   77.800
_cell.angle_alpha   90.00
_cell.angle_beta   90.00
_cell.angle_gamma   90.00
#
_symmetry.space_group_name_H-M   'P 21 21 21'
#
loop_
_entity.id
_entity.type
_entity.pdbx_description
1 polymer 'CHEMOTAXIS PROTEIN CHEY'
2 polymer 'CHEMOTAXIS PROTEIN CHEA'
3 non-polymer 'MANGANESE (II) ION'
4 non-polymer 'IMIDO DIPHOSPHATE'
5 water water
#
loop_
_entity_poly.entity_id
_entity_poly.type
_entity_poly.pdbx_seq_one_letter_code
_entity_poly.pdbx_strand_id
1 'polypeptide(L)'
;ADKELKFLVVDDFSTMRRIVRNLLKELGFNNVEEAEDGVDALNKLQAGGYGFVISDWNMPNMDGLELLKTIRADGAMSAL
PVLMVTAEAKKENIIAAAQAGASGYVVKPFTAATLEEKLNKIFEKLGM
;
A,C
2 'polypeptide(L)'
;RQLALEAKGETPSAVTRLSVVAKSEPQDEQSRSQSARRIILSRLKAGEVDLLEEELGHLTTLTDVVKGADSLSAILPGDI
AEDDITAVLCFVIEADQITFETVEVSPKISTPPVLKLAAEQAPTGRVEREKTTR
;
B,D
#
# COMPACT_ATOMS: atom_id res chain seq x y z
N ALA A 1 23.20 -26.74 -4.75
CA ALA A 1 23.73 -25.42 -5.20
C ALA A 1 25.13 -25.23 -4.68
N ASP A 2 26.03 -24.78 -5.55
CA ASP A 2 27.42 -24.56 -5.16
C ASP A 2 27.50 -23.61 -3.97
N LYS A 3 28.13 -24.06 -2.89
CA LYS A 3 28.25 -23.23 -1.71
C LYS A 3 29.06 -21.95 -1.89
N GLU A 4 29.96 -21.91 -2.86
CA GLU A 4 30.73 -20.69 -3.07
C GLU A 4 30.04 -19.81 -4.14
N LEU A 5 28.72 -19.95 -4.24
CA LEU A 5 27.91 -19.15 -5.15
C LEU A 5 27.96 -17.72 -4.61
N LYS A 6 28.13 -16.74 -5.48
CA LYS A 6 28.24 -15.35 -5.02
C LYS A 6 26.93 -14.59 -4.84
N PHE A 7 26.68 -14.16 -3.60
CA PHE A 7 25.45 -13.42 -3.29
C PHE A 7 25.65 -11.91 -3.20
N LEU A 8 24.64 -11.17 -3.61
CA LEU A 8 24.66 -9.72 -3.48
C LEU A 8 23.41 -9.35 -2.66
N VAL A 9 23.64 -8.80 -1.47
CA VAL A 9 22.57 -8.39 -0.56
C VAL A 9 22.34 -6.87 -0.73
N VAL A 10 21.14 -6.49 -1.11
CA VAL A 10 20.84 -5.09 -1.35
C VAL A 10 19.81 -4.52 -0.41
N ASP A 11 20.24 -3.57 0.40
CA ASP A 11 19.33 -2.92 1.33
C ASP A 11 19.95 -1.60 1.76
N ASP A 12 19.11 -0.59 1.96
CA ASP A 12 19.61 0.72 2.37
C ASP A 12 20.00 0.80 3.85
N PHE A 13 19.59 -0.19 4.64
CA PHE A 13 19.95 -0.23 6.05
C PHE A 13 21.04 -1.26 6.29
N SER A 14 22.16 -0.80 6.83
CA SER A 14 23.29 -1.67 7.08
C SER A 14 23.01 -2.81 8.04
N THR A 15 22.06 -2.65 8.94
CA THR A 15 21.76 -3.70 9.90
C THR A 15 21.09 -4.90 9.22
N MET A 16 20.11 -4.63 8.36
CA MET A 16 19.40 -5.68 7.65
C MET A 16 20.39 -6.40 6.72
N ARG A 17 21.29 -5.61 6.12
CA ARG A 17 22.32 -6.15 5.24
C ARG A 17 23.19 -7.13 5.99
N ARG A 18 23.50 -6.82 7.25
CA ARG A 18 24.31 -7.71 8.06
C ARG A 18 23.50 -8.92 8.48
N ILE A 19 22.26 -8.71 8.89
CA ILE A 19 21.43 -9.84 9.29
C ILE A 19 21.39 -10.88 8.17
N VAL A 20 21.00 -10.45 6.98
CA VAL A 20 20.91 -11.35 5.83
C VAL A 20 22.23 -12.07 5.57
N ARG A 21 23.35 -11.36 5.69
CA ARG A 21 24.66 -11.97 5.46
C ARG A 21 24.93 -13.08 6.48
N ASN A 22 24.63 -12.81 7.75
CA ASN A 22 24.85 -13.80 8.81
C ASN A 22 23.93 -15.01 8.54
N LEU A 23 22.70 -14.75 8.12
CA LEU A 23 21.79 -15.82 7.79
C LEU A 23 22.32 -16.69 6.65
N LEU A 24 22.89 -16.05 5.62
CA LEU A 24 23.44 -16.81 4.49
C LEU A 24 24.62 -17.65 4.96
N LYS A 25 25.34 -17.16 5.98
CA LYS A 25 26.49 -17.87 6.53
C LYS A 25 26.00 -19.06 7.37
N GLU A 26 24.89 -18.89 8.08
CA GLU A 26 24.32 -19.97 8.88
C GLU A 26 23.92 -21.10 7.91
N LEU A 27 23.69 -20.73 6.65
CA LEU A 27 23.28 -21.71 5.65
C LEU A 27 24.43 -22.26 4.82
N GLY A 28 25.64 -21.82 5.13
CA GLY A 28 26.81 -22.30 4.40
C GLY A 28 27.22 -21.49 3.18
N PHE A 29 26.72 -20.27 3.10
CA PHE A 29 27.05 -19.38 2.00
C PHE A 29 27.90 -18.25 2.55
N ASN A 30 29.15 -18.17 2.07
CA ASN A 30 30.07 -17.15 2.57
C ASN A 30 30.57 -16.16 1.54
N ASN A 31 30.29 -16.42 0.27
CA ASN A 31 30.71 -15.52 -0.81
C ASN A 31 29.56 -14.51 -1.01
N VAL A 32 29.60 -13.45 -0.20
CA VAL A 32 28.56 -12.44 -0.20
C VAL A 32 29.09 -11.01 -0.24
N GLU A 33 28.49 -10.19 -1.10
CA GLU A 33 28.87 -8.78 -1.19
C GLU A 33 27.60 -7.97 -0.92
N GLU A 34 27.75 -6.74 -0.45
CA GLU A 34 26.60 -5.90 -0.15
C GLU A 34 26.49 -4.65 -1.02
N ALA A 35 25.28 -4.11 -1.12
CA ALA A 35 25.01 -2.89 -1.87
C ALA A 35 23.96 -2.09 -1.11
N GLU A 36 24.03 -0.76 -1.22
CA GLU A 36 23.09 0.11 -0.51
C GLU A 36 21.79 0.49 -1.21
N ASP A 37 21.75 0.39 -2.53
CA ASP A 37 20.48 0.69 -3.25
C ASP A 37 20.53 0.13 -4.67
N GLY A 38 19.41 0.29 -5.39
CA GLY A 38 19.34 -0.23 -6.75
C GLY A 38 20.50 0.19 -7.64
N VAL A 39 20.78 1.49 -7.62
CA VAL A 39 21.86 2.05 -8.41
C VAL A 39 23.16 1.37 -8.00
N ASP A 40 23.49 1.41 -6.72
CA ASP A 40 24.72 0.78 -6.21
C ASP A 40 24.83 -0.70 -6.63
N ALA A 41 23.69 -1.39 -6.65
CA ALA A 41 23.65 -2.79 -7.00
C ALA A 41 24.01 -3.03 -8.46
N LEU A 42 23.37 -2.28 -9.37
CA LEU A 42 23.62 -2.41 -10.81
C LEU A 42 25.09 -2.19 -11.07
N ASN A 43 25.64 -1.22 -10.37
CA ASN A 43 27.05 -0.89 -10.51
C ASN A 43 27.93 -2.07 -10.09
N LYS A 44 27.56 -2.74 -9.00
CA LYS A 44 28.35 -3.87 -8.52
C LYS A 44 28.17 -5.11 -9.38
N LEU A 45 26.97 -5.30 -9.91
CA LEU A 45 26.70 -6.45 -10.75
C LEU A 45 27.61 -6.45 -12.00
N GLN A 46 27.96 -5.25 -12.46
CA GLN A 46 28.82 -5.07 -13.62
C GLN A 46 30.07 -5.93 -13.54
N ALA A 47 30.58 -6.13 -12.32
CA ALA A 47 31.78 -6.92 -12.13
C ALA A 47 31.60 -8.36 -12.57
N GLY A 48 30.34 -8.81 -12.61
CA GLY A 48 30.03 -10.17 -13.04
C GLY A 48 30.41 -11.27 -12.06
N GLY A 49 29.98 -12.48 -12.36
CA GLY A 49 30.30 -13.62 -11.51
C GLY A 49 29.35 -13.77 -10.34
N TYR A 50 28.23 -13.06 -10.38
CA TYR A 50 27.21 -13.11 -9.33
C TYR A 50 26.23 -14.17 -9.65
N GLY A 51 25.89 -14.98 -8.66
CA GLY A 51 24.92 -16.02 -8.91
C GLY A 51 23.59 -15.80 -8.22
N PHE A 52 23.51 -14.83 -7.31
CA PHE A 52 22.28 -14.59 -6.57
C PHE A 52 22.13 -13.18 -5.99
N VAL A 53 20.94 -12.62 -6.15
CA VAL A 53 20.63 -11.30 -5.64
C VAL A 53 19.43 -11.38 -4.68
N ILE A 54 19.63 -10.88 -3.47
CA ILE A 54 18.58 -10.75 -2.46
C ILE A 54 18.44 -9.23 -2.30
N SER A 55 17.26 -8.69 -2.59
CA SER A 55 17.03 -7.26 -2.52
C SER A 55 15.80 -6.79 -1.76
N ASP A 56 15.95 -5.67 -1.05
CA ASP A 56 14.85 -5.07 -0.32
C ASP A 56 13.97 -4.27 -1.29
N TRP A 57 12.75 -3.97 -0.85
CA TRP A 57 11.78 -3.24 -1.66
C TRP A 57 12.00 -1.73 -1.62
N ASN A 58 11.97 -1.16 -0.42
CA ASN A 58 12.14 0.27 -0.19
C ASN A 58 13.58 0.77 -0.13
N MET A 59 13.98 1.55 -1.13
CA MET A 59 15.34 2.13 -1.17
C MET A 59 15.36 3.44 -1.96
N PRO A 60 16.23 4.38 -1.56
CA PRO A 60 16.35 5.67 -2.23
C PRO A 60 17.08 5.51 -3.55
N ASN A 61 16.96 6.51 -4.42
CA ASN A 61 17.59 6.53 -5.76
C ASN A 61 16.96 5.50 -6.69
N MET A 62 16.94 4.24 -6.28
CA MET A 62 16.32 3.16 -7.06
C MET A 62 15.83 2.09 -6.09
N ASP A 63 14.53 1.85 -6.10
CA ASP A 63 13.98 0.84 -5.22
C ASP A 63 14.19 -0.56 -5.79
N GLY A 64 13.68 -1.57 -5.10
CA GLY A 64 13.86 -2.94 -5.54
C GLY A 64 13.16 -3.38 -6.81
N LEU A 65 11.95 -2.88 -7.03
CA LEU A 65 11.21 -3.24 -8.22
C LEU A 65 11.97 -2.77 -9.43
N GLU A 66 12.53 -1.56 -9.34
CA GLU A 66 13.26 -1.01 -10.46
C GLU A 66 14.55 -1.72 -10.72
N LEU A 67 15.20 -2.19 -9.65
CA LEU A 67 16.46 -2.94 -9.76
C LEU A 67 16.13 -4.27 -10.47
N LEU A 68 15.08 -4.93 -10.01
CA LEU A 68 14.66 -6.19 -10.59
C LEU A 68 14.44 -5.99 -12.09
N LYS A 69 13.53 -5.07 -12.42
CA LYS A 69 13.24 -4.73 -13.83
C LYS A 69 14.51 -4.48 -14.68
N THR A 70 15.49 -3.77 -14.13
CA THR A 70 16.70 -3.49 -14.87
C THR A 70 17.48 -4.77 -15.09
N ILE A 71 17.50 -5.65 -14.07
CA ILE A 71 18.21 -6.93 -14.15
C ILE A 71 17.60 -7.76 -15.26
N ARG A 72 16.28 -7.93 -15.21
CA ARG A 72 15.56 -8.72 -16.22
C ARG A 72 15.77 -8.23 -17.64
N ALA A 73 15.69 -6.91 -17.86
CA ALA A 73 15.88 -6.38 -19.20
C ALA A 73 17.35 -6.38 -19.65
N ASP A 74 18.27 -6.76 -18.78
CA ASP A 74 19.69 -6.79 -19.11
C ASP A 74 20.05 -8.14 -19.72
N GLY A 75 20.21 -8.18 -21.04
CA GLY A 75 20.54 -9.43 -21.71
C GLY A 75 21.71 -10.27 -21.22
N ALA A 76 22.57 -9.75 -20.34
CA ALA A 76 23.73 -10.49 -19.85
C ALA A 76 23.59 -11.14 -18.47
N MET A 77 22.65 -10.63 -17.69
CA MET A 77 22.37 -11.12 -16.34
C MET A 77 20.85 -11.30 -16.21
N SER A 78 20.17 -11.26 -17.35
CA SER A 78 18.71 -11.36 -17.40
C SER A 78 18.07 -12.51 -16.66
N ALA A 79 18.81 -13.60 -16.48
CA ALA A 79 18.25 -14.77 -15.80
C ALA A 79 18.76 -14.96 -14.36
N LEU A 80 19.45 -13.95 -13.85
CA LEU A 80 19.99 -13.99 -12.50
C LEU A 80 18.85 -14.13 -11.47
N PRO A 81 18.98 -15.08 -10.52
CA PRO A 81 17.91 -15.23 -9.54
C PRO A 81 17.85 -14.02 -8.59
N VAL A 82 16.63 -13.53 -8.37
CA VAL A 82 16.44 -12.38 -7.52
C VAL A 82 15.32 -12.61 -6.52
N LEU A 83 15.65 -12.50 -5.24
CA LEU A 83 14.66 -12.67 -4.16
C LEU A 83 14.32 -11.28 -3.57
N MET A 84 13.05 -10.91 -3.64
CA MET A 84 12.60 -9.62 -3.14
C MET A 84 12.20 -9.70 -1.67
N VAL A 85 12.77 -8.81 -0.87
CA VAL A 85 12.46 -8.77 0.55
C VAL A 85 11.48 -7.62 0.75
N THR A 86 10.33 -7.92 1.35
CA THR A 86 9.30 -6.93 1.57
C THR A 86 8.82 -6.91 3.04
N ALA A 87 8.36 -5.76 3.53
CA ALA A 87 7.91 -5.69 4.92
C ALA A 87 6.45 -6.06 5.15
N GLU A 88 5.74 -6.41 4.08
CA GLU A 88 4.34 -6.73 4.20
C GLU A 88 3.85 -7.51 2.99
N ALA A 89 3.12 -8.59 3.22
CA ALA A 89 2.58 -9.38 2.12
C ALA A 89 1.41 -8.60 1.57
N LYS A 90 1.71 -7.51 0.89
CA LYS A 90 0.73 -6.60 0.30
C LYS A 90 0.35 -7.04 -1.10
N LYS A 91 -0.95 -7.21 -1.32
CA LYS A 91 -1.52 -7.63 -2.60
C LYS A 91 -0.91 -6.97 -3.83
N GLU A 92 -0.96 -5.65 -3.88
CA GLU A 92 -0.43 -4.93 -5.02
C GLU A 92 1.08 -5.07 -5.22
N ASN A 93 1.81 -5.28 -4.13
CA ASN A 93 3.27 -5.41 -4.23
C ASN A 93 3.71 -6.79 -4.71
N ILE A 94 2.97 -7.82 -4.30
CA ILE A 94 3.27 -9.19 -4.68
C ILE A 94 3.02 -9.43 -6.18
N ILE A 95 1.97 -8.82 -6.71
CA ILE A 95 1.71 -8.98 -8.14
C ILE A 95 2.88 -8.35 -8.90
N ALA A 96 3.21 -7.10 -8.55
CA ALA A 96 4.29 -6.36 -9.21
C ALA A 96 5.58 -7.15 -9.21
N ALA A 97 5.87 -7.80 -8.09
CA ALA A 97 7.07 -8.62 -8.00
C ALA A 97 6.96 -9.78 -9.01
N ALA A 98 5.82 -10.49 -8.97
CA ALA A 98 5.58 -11.62 -9.85
C ALA A 98 5.72 -11.24 -11.33
N GLN A 99 5.03 -10.19 -11.75
CA GLN A 99 5.10 -9.76 -13.15
C GLN A 99 6.47 -9.20 -13.57
N ALA A 100 7.19 -8.60 -12.64
CA ALA A 100 8.49 -8.03 -12.95
C ALA A 100 9.56 -9.11 -13.15
N GLY A 101 9.21 -10.36 -12.85
CA GLY A 101 10.18 -11.44 -13.02
C GLY A 101 10.99 -11.87 -11.80
N ALA A 102 10.51 -11.53 -10.60
CA ALA A 102 11.18 -11.92 -9.38
C ALA A 102 11.17 -13.45 -9.23
N SER A 103 12.29 -14.01 -8.72
CA SER A 103 12.41 -15.44 -8.49
C SER A 103 11.59 -15.87 -7.28
N GLY A 104 11.15 -14.89 -6.51
CA GLY A 104 10.37 -15.14 -5.32
C GLY A 104 10.38 -13.92 -4.41
N TYR A 105 9.57 -13.95 -3.36
CA TYR A 105 9.52 -12.85 -2.41
C TYR A 105 9.47 -13.40 -1.00
N VAL A 106 9.97 -12.62 -0.06
CA VAL A 106 9.96 -13.03 1.32
C VAL A 106 9.66 -11.83 2.25
N VAL A 107 8.78 -12.04 3.21
CA VAL A 107 8.40 -10.99 4.15
C VAL A 107 9.31 -10.93 5.39
N LYS A 108 9.89 -9.76 5.64
CA LYS A 108 10.72 -9.55 6.82
C LYS A 108 9.79 -9.07 7.93
N PRO A 109 10.11 -9.38 9.20
CA PRO A 109 11.31 -10.16 9.55
C PRO A 109 11.14 -11.63 9.22
N PHE A 110 12.19 -12.23 8.63
CA PHE A 110 12.15 -13.64 8.28
C PHE A 110 13.21 -14.47 9.00
N THR A 111 12.97 -15.79 9.07
CA THR A 111 13.89 -16.69 9.72
C THR A 111 14.86 -17.38 8.76
N ALA A 112 15.88 -18.00 9.33
CA ALA A 112 16.89 -18.73 8.57
C ALA A 112 16.27 -19.91 7.85
N ALA A 113 15.28 -20.53 8.48
CA ALA A 113 14.61 -21.69 7.89
C ALA A 113 13.76 -21.22 6.73
N THR A 114 13.15 -20.03 6.89
CA THR A 114 12.32 -19.45 5.82
C THR A 114 13.20 -19.16 4.58
N LEU A 115 14.38 -18.59 4.84
CA LEU A 115 15.32 -18.25 3.78
C LEU A 115 15.80 -19.47 3.02
N GLU A 116 16.03 -20.55 3.75
CA GLU A 116 16.49 -21.81 3.19
C GLU A 116 15.40 -22.35 2.29
N GLU A 117 14.16 -22.29 2.78
CA GLU A 117 13.00 -22.74 2.01
C GLU A 117 12.93 -21.95 0.70
N LYS A 118 13.10 -20.63 0.83
CA LYS A 118 13.07 -19.71 -0.31
C LYS A 118 14.17 -19.99 -1.31
N LEU A 119 15.38 -20.19 -0.79
CA LEU A 119 16.52 -20.49 -1.64
C LEU A 119 16.33 -21.82 -2.39
N ASN A 120 15.98 -22.88 -1.66
CA ASN A 120 15.78 -24.18 -2.27
C ASN A 120 14.71 -24.16 -3.36
N LYS A 121 13.58 -23.52 -3.09
CA LYS A 121 12.54 -23.46 -4.11
C LYS A 121 13.08 -22.84 -5.40
N ILE A 122 13.90 -21.81 -5.24
CA ILE A 122 14.49 -21.14 -6.40
C ILE A 122 15.55 -22.03 -7.06
N PHE A 123 16.41 -22.65 -6.26
CA PHE A 123 17.44 -23.53 -6.82
C PHE A 123 16.74 -24.66 -7.61
N GLU A 124 15.83 -25.36 -6.92
CA GLU A 124 15.07 -26.44 -7.51
C GLU A 124 14.40 -25.99 -8.81
N LYS A 125 13.72 -24.85 -8.77
CA LYS A 125 13.03 -24.29 -9.93
C LYS A 125 13.92 -23.94 -11.12
N LEU A 126 15.21 -23.73 -10.87
CA LEU A 126 16.14 -23.39 -11.95
C LEU A 126 17.17 -24.49 -12.19
N GLY A 127 16.96 -25.64 -11.55
CA GLY A 127 17.89 -26.76 -11.66
C GLY A 127 19.29 -26.36 -11.22
N MET A 128 19.43 -25.96 -9.96
CA MET A 128 20.72 -25.53 -9.43
C MET A 128 21.21 -26.46 -8.33
N ALA B 36 -19.36 -16.10 -11.14
CA ALA B 36 -17.89 -15.89 -10.99
C ALA B 36 -17.09 -17.07 -11.60
N ARG B 37 -15.76 -17.05 -11.48
CA ARG B 37 -14.91 -18.12 -12.03
C ARG B 37 -14.39 -19.09 -10.99
N ARG B 38 -13.83 -20.20 -11.49
CA ARG B 38 -13.28 -21.29 -10.67
C ARG B 38 -11.80 -21.60 -10.94
N ILE B 39 -11.02 -21.69 -9.85
CA ILE B 39 -9.61 -21.98 -9.96
C ILE B 39 -9.38 -23.38 -9.40
N ILE B 40 -8.51 -24.14 -10.07
CA ILE B 40 -8.19 -25.50 -9.64
C ILE B 40 -6.68 -25.73 -9.68
N LEU B 41 -6.16 -26.14 -8.53
CA LEU B 41 -4.74 -26.40 -8.34
C LEU B 41 -4.51 -27.89 -8.10
N SER B 42 -3.63 -28.48 -8.90
CA SER B 42 -3.32 -29.92 -8.84
C SER B 42 -1.88 -30.31 -8.53
N ARG B 43 -1.72 -31.60 -8.20
CA ARG B 43 -0.44 -32.23 -7.85
C ARG B 43 0.40 -31.50 -6.80
N LEU B 44 -0.25 -31.01 -5.76
CA LEU B 44 0.42 -30.26 -4.69
C LEU B 44 1.14 -31.18 -3.71
N LYS B 45 2.32 -30.77 -3.25
CA LYS B 45 3.09 -31.56 -2.30
C LYS B 45 2.63 -31.24 -0.88
N ALA B 46 3.19 -31.92 0.12
CA ALA B 46 2.79 -31.68 1.52
C ALA B 46 3.03 -30.23 1.90
N GLY B 47 2.00 -29.61 2.47
CA GLY B 47 2.09 -28.22 2.90
C GLY B 47 1.55 -27.22 1.89
N GLU B 48 1.71 -27.55 0.60
CA GLU B 48 1.29 -26.68 -0.49
C GLU B 48 -0.17 -26.26 -0.54
N VAL B 49 -1.06 -27.05 0.05
CA VAL B 49 -2.48 -26.69 0.04
C VAL B 49 -2.73 -25.49 0.96
N ASP B 50 -2.14 -25.52 2.15
CA ASP B 50 -2.32 -24.41 3.08
C ASP B 50 -1.60 -23.20 2.52
N LEU B 51 -0.34 -23.41 2.16
CA LEU B 51 0.51 -22.38 1.59
C LEU B 51 -0.18 -21.66 0.44
N LEU B 52 -0.77 -22.41 -0.49
CA LEU B 52 -1.43 -21.80 -1.63
C LEU B 52 -2.78 -21.18 -1.29
N GLU B 53 -3.38 -21.64 -0.19
CA GLU B 53 -4.66 -21.06 0.24
C GLU B 53 -4.34 -19.66 0.77
N GLU B 54 -3.33 -19.59 1.64
CA GLU B 54 -2.88 -18.34 2.22
C GLU B 54 -2.45 -17.38 1.10
N GLU B 55 -1.62 -17.87 0.18
CA GLU B 55 -1.15 -17.03 -0.94
C GLU B 55 -2.32 -16.43 -1.69
N LEU B 56 -3.37 -17.22 -1.88
CA LEU B 56 -4.57 -16.75 -2.57
C LEU B 56 -5.30 -15.72 -1.70
N GLY B 57 -5.10 -15.85 -0.39
CA GLY B 57 -5.71 -14.94 0.56
C GLY B 57 -5.18 -13.54 0.36
N HIS B 58 -3.85 -13.39 0.39
CA HIS B 58 -3.21 -12.10 0.19
C HIS B 58 -3.71 -11.37 -1.07
N LEU B 59 -4.18 -12.12 -2.07
CA LEU B 59 -4.63 -11.53 -3.34
C LEU B 59 -6.11 -11.31 -3.58
N THR B 60 -6.95 -12.10 -2.92
CA THR B 60 -8.39 -11.98 -3.12
C THR B 60 -9.18 -12.68 -2.01
N THR B 61 -10.50 -12.55 -2.08
CA THR B 61 -11.39 -13.16 -1.10
C THR B 61 -11.95 -14.42 -1.75
N LEU B 62 -11.60 -15.58 -1.20
CA LEU B 62 -12.08 -16.83 -1.76
C LEU B 62 -13.35 -17.36 -1.13
N THR B 63 -14.22 -17.91 -1.96
CA THR B 63 -15.45 -18.54 -1.49
C THR B 63 -15.53 -19.94 -2.10
N ASP B 64 -16.22 -20.83 -1.38
CA ASP B 64 -16.43 -22.21 -1.80
C ASP B 64 -15.11 -22.98 -1.90
N VAL B 65 -14.20 -22.66 -1.00
CA VAL B 65 -12.90 -23.29 -0.98
C VAL B 65 -13.00 -24.78 -0.67
N VAL B 66 -12.31 -25.59 -1.47
CA VAL B 66 -12.29 -27.05 -1.29
C VAL B 66 -10.85 -27.53 -1.19
N LYS B 67 -10.48 -27.97 0.00
CA LYS B 67 -9.12 -28.44 0.28
C LYS B 67 -8.91 -29.96 0.18
N GLY B 68 -8.54 -30.42 -1.02
CA GLY B 68 -8.28 -31.84 -1.22
C GLY B 68 -6.89 -32.20 -0.72
N ALA B 69 -6.63 -33.50 -0.56
CA ALA B 69 -5.34 -34.02 -0.08
C ALA B 69 -4.11 -33.46 -0.80
N ASP B 70 -4.22 -33.26 -2.11
CA ASP B 70 -3.14 -32.73 -2.93
C ASP B 70 -3.68 -31.80 -3.99
N SER B 71 -4.85 -31.24 -3.70
CA SER B 71 -5.55 -30.32 -4.61
C SER B 71 -6.26 -29.23 -3.82
N LEU B 72 -6.57 -28.13 -4.50
CA LEU B 72 -7.29 -27.02 -3.89
C LEU B 72 -8.07 -26.32 -4.99
N SER B 73 -9.36 -26.11 -4.75
CA SER B 73 -10.21 -25.43 -5.71
C SER B 73 -11.00 -24.34 -4.99
N ALA B 74 -11.45 -23.33 -5.75
CA ALA B 74 -12.24 -22.24 -5.19
C ALA B 74 -12.92 -21.33 -6.23
N ILE B 75 -13.88 -20.54 -5.72
CA ILE B 75 -14.65 -19.60 -6.52
C ILE B 75 -13.98 -18.23 -6.37
N LEU B 76 -13.56 -17.63 -7.49
CA LEU B 76 -12.91 -16.33 -7.48
C LEU B 76 -13.90 -15.22 -7.81
N PRO B 77 -13.95 -14.17 -6.97
CA PRO B 77 -14.84 -13.00 -7.10
C PRO B 77 -14.75 -12.34 -8.47
N GLY B 78 -13.54 -12.23 -9.00
CA GLY B 78 -13.36 -11.61 -10.30
C GLY B 78 -12.65 -10.26 -10.24
N ASP B 79 -12.35 -9.80 -9.02
CA ASP B 79 -11.67 -8.53 -8.82
C ASP B 79 -10.16 -8.56 -9.11
N ILE B 80 -9.62 -9.74 -9.40
CA ILE B 80 -8.18 -9.89 -9.72
C ILE B 80 -7.98 -10.62 -11.04
N ALA B 81 -7.13 -10.05 -11.88
CA ALA B 81 -6.80 -10.64 -13.18
C ALA B 81 -6.14 -12.01 -12.99
N GLU B 82 -6.64 -13.00 -13.71
CA GLU B 82 -6.16 -14.37 -13.64
C GLU B 82 -4.67 -14.52 -13.85
N ASP B 83 -4.14 -13.79 -14.83
CA ASP B 83 -2.71 -13.83 -15.17
C ASP B 83 -1.85 -13.44 -13.98
N ASP B 84 -2.35 -12.51 -13.18
CA ASP B 84 -1.63 -12.05 -12.00
C ASP B 84 -1.54 -13.17 -11.00
N ILE B 85 -2.63 -13.93 -10.87
CA ILE B 85 -2.67 -15.07 -9.96
C ILE B 85 -1.62 -16.09 -10.36
N THR B 86 -1.63 -16.49 -11.62
CA THR B 86 -0.69 -17.48 -12.11
C THR B 86 0.74 -17.10 -11.78
N ALA B 87 1.07 -15.84 -12.06
CA ALA B 87 2.41 -15.31 -11.82
C ALA B 87 2.77 -15.44 -10.34
N VAL B 88 1.82 -15.18 -9.46
CA VAL B 88 2.08 -15.30 -8.02
C VAL B 88 2.27 -16.75 -7.58
N LEU B 89 1.30 -17.61 -7.88
CA LEU B 89 1.41 -19.01 -7.49
C LEU B 89 2.65 -19.71 -8.05
N CYS B 90 3.16 -19.20 -9.19
CA CYS B 90 4.35 -19.77 -9.81
C CYS B 90 5.60 -19.54 -9.00
N PHE B 91 5.49 -18.78 -7.92
CA PHE B 91 6.62 -18.59 -7.03
C PHE B 91 6.82 -19.94 -6.33
N VAL B 92 5.76 -20.76 -6.35
CA VAL B 92 5.72 -22.06 -5.70
C VAL B 92 5.59 -23.26 -6.61
N ILE B 93 4.57 -23.24 -7.46
CA ILE B 93 4.29 -24.35 -8.37
C ILE B 93 4.53 -24.01 -9.84
N GLU B 94 4.05 -24.89 -10.71
CA GLU B 94 4.18 -24.71 -12.16
C GLU B 94 2.84 -24.34 -12.74
N ALA B 95 2.87 -23.63 -13.86
CA ALA B 95 1.66 -23.18 -14.53
C ALA B 95 0.69 -24.29 -14.89
N ASP B 96 1.22 -25.42 -15.34
CA ASP B 96 0.36 -26.53 -15.73
C ASP B 96 -0.47 -27.10 -14.58
N GLN B 97 -0.13 -26.75 -13.35
CA GLN B 97 -0.87 -27.22 -12.18
C GLN B 97 -2.05 -26.28 -11.86
N ILE B 98 -2.20 -25.21 -12.64
CA ILE B 98 -3.25 -24.20 -12.42
C ILE B 98 -4.23 -24.19 -13.58
N THR B 99 -5.53 -24.26 -13.27
CA THR B 99 -6.56 -24.22 -14.30
C THR B 99 -7.70 -23.29 -13.87
N PHE B 100 -8.26 -22.59 -14.85
CA PHE B 100 -9.36 -21.68 -14.61
C PHE B 100 -10.54 -22.06 -15.50
N GLU B 101 -11.75 -21.95 -14.96
CA GLU B 101 -12.96 -22.26 -15.72
C GLU B 101 -14.20 -21.65 -15.09
N THR B 102 -15.23 -21.49 -15.92
CA THR B 102 -16.51 -20.91 -15.52
C THR B 102 -17.26 -21.85 -14.59
N VAL B 103 -18.09 -21.28 -13.70
CA VAL B 103 -18.87 -22.11 -12.79
C VAL B 103 -20.33 -22.22 -13.25
N ALA C 1 1.22 0.60 6.80
CA ALA C 1 1.76 0.34 5.43
C ALA C 1 3.28 0.43 5.40
N ASP C 2 3.83 1.18 4.44
CA ASP C 2 5.28 1.34 4.30
C ASP C 2 5.85 2.26 5.38
N LYS C 3 6.24 1.68 6.52
CA LYS C 3 6.78 2.45 7.63
C LYS C 3 7.90 3.43 7.28
N GLU C 4 8.48 3.27 6.10
CA GLU C 4 9.54 4.17 5.64
C GLU C 4 8.98 5.36 4.85
N LEU C 5 7.67 5.34 4.63
CA LEU C 5 6.97 6.38 3.89
C LEU C 5 7.26 7.76 4.49
N LYS C 6 7.88 8.63 3.70
CA LYS C 6 8.26 9.98 4.14
C LYS C 6 7.07 10.95 4.24
N PHE C 7 6.84 11.50 5.43
CA PHE C 7 5.73 12.44 5.65
C PHE C 7 6.26 13.86 5.73
N LEU C 8 5.41 14.82 5.38
CA LEU C 8 5.71 16.24 5.49
C LEU C 8 4.57 16.79 6.33
N VAL C 9 4.90 17.30 7.52
CA VAL C 9 3.91 17.88 8.44
C VAL C 9 3.97 19.40 8.27
N VAL C 10 2.85 20.02 7.86
CA VAL C 10 2.82 21.46 7.64
C VAL C 10 1.86 22.27 8.51
N ASP C 11 2.43 23.18 9.30
CA ASP C 11 1.68 24.06 10.19
C ASP C 11 2.57 25.25 10.57
N ASP C 12 1.96 26.41 10.75
CA ASP C 12 2.73 27.58 11.11
C ASP C 12 3.13 27.58 12.58
N PHE C 13 2.49 26.71 13.37
CA PHE C 13 2.82 26.62 14.78
C PHE C 13 3.71 25.40 15.01
N SER C 14 4.84 25.59 15.69
CA SER C 14 5.78 24.49 15.92
C SER C 14 5.25 23.38 16.80
N THR C 15 4.54 23.77 17.85
CA THR C 15 4.01 22.81 18.80
C THR C 15 3.05 21.84 18.17
N MET C 16 2.14 22.34 17.32
CA MET C 16 1.23 21.42 16.64
C MET C 16 2.02 20.49 15.70
N ARG C 17 3.10 21.00 15.11
CA ARG C 17 3.92 20.18 14.22
C ARG C 17 4.58 19.06 14.99
N ARG C 18 5.13 19.39 16.16
CA ARG C 18 5.80 18.41 17.00
C ARG C 18 4.80 17.37 17.48
N ILE C 19 3.56 17.80 17.72
CA ILE C 19 2.56 16.85 18.14
C ILE C 19 2.34 15.86 16.97
N VAL C 20 1.96 16.35 15.79
CA VAL C 20 1.71 15.48 14.63
C VAL C 20 2.90 14.56 14.33
N ARG C 21 4.12 15.09 14.38
CA ARG C 21 5.32 14.30 14.15
C ARG C 21 5.42 13.17 15.18
N ASN C 22 5.23 13.52 16.45
CA ASN C 22 5.30 12.53 17.53
C ASN C 22 4.18 11.51 17.41
N LEU C 23 3.01 11.93 16.94
CA LEU C 23 1.89 11.02 16.76
C LEU C 23 2.23 10.02 15.65
N LEU C 24 2.85 10.52 14.57
CA LEU C 24 3.27 9.65 13.47
C LEU C 24 4.24 8.61 14.02
N LYS C 25 5.11 9.03 14.93
CA LYS C 25 6.07 8.13 15.54
C LYS C 25 5.41 7.02 16.38
N GLU C 26 4.31 7.31 17.05
CA GLU C 26 3.65 6.27 17.83
C GLU C 26 3.13 5.18 16.90
N LEU C 27 2.83 5.59 15.68
CA LEU C 27 2.30 4.68 14.67
C LEU C 27 3.37 3.96 13.85
N GLY C 28 4.64 4.19 14.14
CA GLY C 28 5.70 3.52 13.41
C GLY C 28 6.40 4.32 12.33
N PHE C 29 5.86 5.48 11.97
CA PHE C 29 6.48 6.33 10.95
C PHE C 29 7.49 7.32 11.54
N ASN C 30 8.76 7.04 11.29
CA ASN C 30 9.85 7.86 11.81
C ASN C 30 10.47 8.85 10.81
N ASN C 31 10.25 8.59 9.53
CA ASN C 31 10.79 9.40 8.43
C ASN C 31 9.84 10.58 8.18
N VAL C 32 10.02 11.63 8.98
CA VAL C 32 9.18 12.83 8.93
C VAL C 32 9.95 14.15 8.92
N GLU C 33 9.48 15.10 8.12
CA GLU C 33 10.08 16.42 8.02
C GLU C 33 8.96 17.45 8.20
N GLU C 34 9.33 18.69 8.49
CA GLU C 34 8.34 19.72 8.72
C GLU C 34 8.45 20.90 7.78
N ALA C 35 7.43 21.77 7.84
CA ALA C 35 7.36 22.99 7.05
C ALA C 35 6.43 23.95 7.77
N GLU C 36 6.78 25.23 7.76
CA GLU C 36 5.99 26.25 8.44
C GLU C 36 4.84 26.87 7.70
N ASP C 37 4.75 26.63 6.40
CA ASP C 37 3.66 27.16 5.60
C ASP C 37 3.71 26.54 4.22
N GLY C 38 2.70 26.83 3.40
CA GLY C 38 2.61 26.30 2.04
C GLY C 38 3.82 26.49 1.14
N VAL C 39 4.36 27.71 1.09
CA VAL C 39 5.53 27.98 0.25
C VAL C 39 6.68 27.08 0.69
N ASP C 40 6.99 27.11 1.98
CA ASP C 40 8.05 26.31 2.56
C ASP C 40 7.81 24.85 2.17
N ALA C 41 6.54 24.43 2.29
CA ALA C 41 6.10 23.08 1.97
C ALA C 41 6.49 22.69 0.54
N LEU C 42 6.05 23.51 -0.43
CA LEU C 42 6.36 23.29 -1.83
C LEU C 42 7.87 23.19 -2.05
N ASN C 43 8.61 24.15 -1.52
CA ASN C 43 10.07 24.13 -1.67
C ASN C 43 10.68 22.81 -1.22
N LYS C 44 10.18 22.27 -0.11
CA LYS C 44 10.70 21.01 0.42
C LYS C 44 10.26 19.77 -0.38
N LEU C 45 9.08 19.84 -0.99
CA LEU C 45 8.58 18.73 -1.78
C LEU C 45 9.39 18.53 -3.07
N GLN C 46 10.08 19.59 -3.50
CA GLN C 46 10.90 19.55 -4.71
C GLN C 46 12.06 18.59 -4.59
N ALA C 47 12.69 18.56 -3.42
CA ALA C 47 13.81 17.65 -3.16
C ALA C 47 13.31 16.21 -3.29
N GLY C 48 12.00 16.05 -3.44
CA GLY C 48 11.37 14.75 -3.61
C GLY C 48 11.48 13.76 -2.47
N GLY C 49 10.91 12.57 -2.68
CA GLY C 49 10.94 11.51 -1.69
C GLY C 49 9.67 11.32 -0.89
N TYR C 50 8.91 12.40 -0.68
CA TYR C 50 7.67 12.35 0.10
C TYR C 50 6.56 11.51 -0.49
N GLY C 51 5.81 10.89 0.40
CA GLY C 51 4.70 10.07 -0.04
C GLY C 51 3.42 10.42 0.70
N PHE C 52 3.46 11.47 1.52
CA PHE C 52 2.27 11.88 2.30
C PHE C 52 2.44 13.27 2.84
N VAL C 53 1.35 14.03 2.86
CA VAL C 53 1.35 15.39 3.37
C VAL C 53 0.19 15.59 4.33
N ILE C 54 0.49 16.17 5.50
CA ILE C 54 -0.51 16.48 6.51
C ILE C 54 -0.37 17.98 6.71
N SER C 55 -1.36 18.74 6.24
CA SER C 55 -1.31 20.19 6.35
C SER C 55 -2.47 20.85 7.08
N ASP C 56 -2.15 21.91 7.81
CA ASP C 56 -3.14 22.68 8.53
C ASP C 56 -3.83 23.63 7.53
N TRP C 57 -4.90 24.28 7.98
CA TRP C 57 -5.70 25.18 7.17
C TRP C 57 -5.21 26.63 7.14
N ASN C 58 -5.00 27.23 8.31
CA ASN C 58 -4.56 28.62 8.37
C ASN C 58 -3.04 28.79 8.52
N MET C 59 -2.44 29.42 7.52
CA MET C 59 -1.00 29.68 7.49
C MET C 59 -0.69 30.89 6.62
N PRO C 60 0.33 31.67 7.01
CA PRO C 60 0.72 32.86 6.25
C PRO C 60 1.48 32.46 4.99
N ASN C 61 1.58 33.41 4.06
CA ASN C 61 2.27 33.24 2.77
C ASN C 61 1.48 32.40 1.76
N MET C 62 0.91 31.30 2.25
CA MET C 62 0.09 30.38 1.45
C MET C 62 -0.61 29.44 2.43
N ASP C 63 -1.94 29.46 2.45
CA ASP C 63 -2.67 28.59 3.37
C ASP C 63 -2.80 27.13 2.87
N GLY C 64 -3.43 26.30 3.71
CA GLY C 64 -3.61 24.90 3.38
C GLY C 64 -4.41 24.63 2.11
N LEU C 65 -5.54 25.32 1.96
CA LEU C 65 -6.36 25.13 0.77
C LEU C 65 -5.54 25.39 -0.49
N GLU C 66 -4.76 26.48 -0.50
CA GLU C 66 -3.91 26.81 -1.64
C GLU C 66 -2.83 25.75 -1.85
N LEU C 67 -2.17 25.38 -0.75
CA LEU C 67 -1.12 24.35 -0.78
C LEU C 67 -1.66 23.11 -1.47
N LEU C 68 -2.86 22.70 -1.06
CA LEU C 68 -3.51 21.52 -1.63
C LEU C 68 -3.72 21.70 -3.14
N LYS C 69 -4.33 22.83 -3.52
CA LYS C 69 -4.58 23.14 -4.92
C LYS C 69 -3.30 23.16 -5.75
N THR C 70 -2.24 23.78 -5.22
CA THR C 70 -0.97 23.82 -5.94
C THR C 70 -0.44 22.38 -6.13
N ILE C 71 -0.60 21.55 -5.10
CA ILE C 71 -0.15 20.17 -5.18
C ILE C 71 -0.96 19.39 -6.22
N ARG C 72 -2.27 19.57 -6.20
CA ARG C 72 -3.15 18.90 -7.15
C ARG C 72 -2.84 19.34 -8.58
N ALA C 73 -2.66 20.64 -8.78
CA ALA C 73 -2.37 21.19 -10.10
C ALA C 73 -0.90 21.10 -10.53
N ASP C 74 -0.21 20.06 -10.06
CA ASP C 74 1.19 19.85 -10.41
C ASP C 74 1.31 18.44 -10.95
N GLY C 75 1.75 18.29 -12.19
CA GLY C 75 1.87 16.97 -12.79
C GLY C 75 2.71 15.95 -12.03
N ALA C 76 3.90 16.35 -11.60
CA ALA C 76 4.83 15.45 -10.90
C ALA C 76 4.37 14.91 -9.55
N MET C 77 3.54 15.66 -8.83
CA MET C 77 3.09 15.20 -7.53
C MET C 77 1.57 15.33 -7.38
N SER C 78 0.89 15.47 -8.52
CA SER C 78 -0.55 15.63 -8.55
C SER C 78 -1.31 14.67 -7.64
N ALA C 79 -0.84 13.43 -7.56
CA ALA C 79 -1.50 12.41 -6.76
C ALA C 79 -0.90 12.18 -5.36
N LEU C 80 -0.32 13.22 -4.78
CA LEU C 80 0.26 13.11 -3.44
C LEU C 80 -0.87 13.14 -2.42
N PRO C 81 -0.91 12.18 -1.49
CA PRO C 81 -1.95 12.11 -0.46
C PRO C 81 -1.88 13.37 0.43
N VAL C 82 -3.02 14.01 0.69
CA VAL C 82 -3.01 15.20 1.52
C VAL C 82 -4.10 15.16 2.56
N LEU C 83 -3.71 15.09 3.83
CA LEU C 83 -4.64 15.08 4.95
C LEU C 83 -4.72 16.48 5.58
N MET C 84 -5.85 17.16 5.36
CA MET C 84 -6.07 18.50 5.88
C MET C 84 -6.48 18.50 7.36
N VAL C 85 -5.79 19.31 8.17
CA VAL C 85 -6.09 19.41 9.60
C VAL C 85 -6.91 20.66 9.81
N THR C 86 -8.05 20.53 10.47
CA THR C 86 -8.92 21.68 10.67
C THR C 86 -9.22 21.97 12.15
N ALA C 87 -9.60 23.21 12.44
CA ALA C 87 -9.90 23.64 13.83
C ALA C 87 -11.25 23.18 14.31
N GLU C 88 -12.21 23.12 13.38
CA GLU C 88 -13.56 22.68 13.67
C GLU C 88 -14.18 22.17 12.37
N ALA C 89 -15.11 21.22 12.47
CA ALA C 89 -15.75 20.70 11.28
C ALA C 89 -16.72 21.73 10.72
N LYS C 90 -16.18 22.70 9.98
CA LYS C 90 -16.96 23.77 9.39
C LYS C 90 -17.44 23.40 7.99
N LYS C 91 -18.76 23.45 7.81
CA LYS C 91 -19.41 23.12 6.55
C LYS C 91 -18.67 23.61 5.30
N GLU C 92 -18.51 24.92 5.20
CA GLU C 92 -17.84 25.52 4.06
C GLU C 92 -16.40 25.07 3.87
N ASN C 93 -15.71 24.79 4.97
CA ASN C 93 -14.31 24.35 4.93
C ASN C 93 -14.18 22.96 4.33
N ILE C 94 -14.90 22.03 4.97
CA ILE C 94 -14.93 20.64 4.58
C ILE C 94 -15.28 20.48 3.11
N ILE C 95 -16.18 21.31 2.60
CA ILE C 95 -16.56 21.19 1.20
C ILE C 95 -15.44 21.62 0.25
N ALA C 96 -14.86 22.80 0.47
CA ALA C 96 -13.78 23.28 -0.40
C ALA C 96 -12.61 22.30 -0.40
N ALA C 97 -12.38 21.66 0.76
CA ALA C 97 -11.28 20.71 0.88
C ALA C 97 -11.58 19.49 0.03
N ALA C 98 -12.83 19.05 0.11
CA ALA C 98 -13.31 17.89 -0.62
C ALA C 98 -13.27 18.14 -2.12
N GLN C 99 -13.79 19.30 -2.52
CA GLN C 99 -13.81 19.67 -3.94
C GLN C 99 -12.41 19.92 -4.51
N ALA C 100 -11.47 20.35 -3.67
CA ALA C 100 -10.11 20.63 -4.14
C ALA C 100 -9.26 19.36 -4.27
N GLY C 101 -9.80 18.24 -3.79
CA GLY C 101 -9.08 16.99 -3.87
C GLY C 101 -8.31 16.54 -2.64
N ALA C 102 -8.75 16.97 -1.46
CA ALA C 102 -8.08 16.53 -0.24
C ALA C 102 -8.31 15.01 -0.09
N SER C 103 -7.37 14.31 0.53
CA SER C 103 -7.53 12.87 0.74
C SER C 103 -8.47 12.71 1.92
N GLY C 104 -8.49 13.71 2.80
CA GLY C 104 -9.36 13.69 3.95
C GLY C 104 -9.13 14.88 4.87
N TYR C 105 -9.91 14.96 5.94
CA TYR C 105 -9.73 16.03 6.92
C TYR C 105 -9.82 15.46 8.33
N VAL C 106 -9.32 16.20 9.30
CA VAL C 106 -9.36 15.77 10.69
C VAL C 106 -9.38 17.00 11.57
N VAL C 107 -10.14 16.94 12.65
CA VAL C 107 -10.23 18.06 13.56
C VAL C 107 -9.21 17.95 14.68
N LYS C 108 -8.59 19.06 15.03
CA LYS C 108 -7.64 19.08 16.13
C LYS C 108 -8.36 19.55 17.40
N PRO C 109 -7.93 19.05 18.57
CA PRO C 109 -6.83 18.09 18.68
C PRO C 109 -7.35 16.68 18.37
N PHE C 110 -6.43 15.79 18.02
CA PHE C 110 -6.77 14.41 17.70
C PHE C 110 -5.73 13.47 18.32
N THR C 111 -6.16 12.23 18.57
CA THR C 111 -5.29 11.21 19.18
C THR C 111 -4.58 10.36 18.12
N ALA C 112 -3.61 9.55 18.56
CA ALA C 112 -2.92 8.69 17.61
C ALA C 112 -3.92 7.66 17.06
N ALA C 113 -4.88 7.22 17.88
CA ALA C 113 -5.87 6.26 17.43
C ALA C 113 -6.64 6.84 16.25
N THR C 114 -6.95 8.13 16.33
CA THR C 114 -7.70 8.83 15.29
C THR C 114 -6.88 9.05 14.02
N LEU C 115 -5.58 9.36 14.19
CA LEU C 115 -4.70 9.57 13.06
C LEU C 115 -4.56 8.24 12.30
N GLU C 116 -4.55 7.13 13.06
CA GLU C 116 -4.43 5.78 12.52
C GLU C 116 -5.60 5.50 11.56
N GLU C 117 -6.82 5.77 12.01
CA GLU C 117 -8.01 5.57 11.17
C GLU C 117 -7.96 6.42 9.91
N LYS C 118 -7.60 7.68 10.05
CA LYS C 118 -7.52 8.58 8.90
C LYS C 118 -6.46 8.09 7.92
N LEU C 119 -5.27 7.77 8.43
CA LEU C 119 -4.19 7.27 7.60
C LEU C 119 -4.60 5.98 6.90
N ASN C 120 -5.13 5.01 7.66
CA ASN C 120 -5.57 3.72 7.11
C ASN C 120 -6.55 3.87 5.96
N LYS C 121 -7.56 4.72 6.14
CA LYS C 121 -8.55 4.94 5.11
C LYS C 121 -7.93 5.52 3.84
N ILE C 122 -7.00 6.47 3.99
CA ILE C 122 -6.37 7.05 2.80
C ILE C 122 -5.56 5.95 2.11
N PHE C 123 -4.89 5.12 2.91
CA PHE C 123 -4.07 4.03 2.39
C PHE C 123 -4.90 3.00 1.63
N GLU C 124 -6.02 2.59 2.21
CA GLU C 124 -6.86 1.60 1.57
C GLU C 124 -7.28 2.11 0.20
N LYS C 125 -7.73 3.36 0.16
CA LYS C 125 -8.18 3.96 -1.08
C LYS C 125 -7.11 4.13 -2.15
N LEU C 126 -5.84 4.13 -1.76
CA LEU C 126 -4.79 4.31 -2.75
C LEU C 126 -3.96 3.05 -3.01
N GLY C 127 -4.34 1.95 -2.37
CA GLY C 127 -3.63 0.69 -2.55
C GLY C 127 -2.48 0.48 -1.57
N MET C 128 -2.10 1.54 -0.87
CA MET C 128 -1.01 1.49 0.10
C MET C 128 -1.46 0.67 1.32
N ALA D 36 -37.46 19.17 -0.78
CA ALA D 36 -37.29 17.96 0.09
C ALA D 36 -36.54 16.84 -0.67
N ARG D 37 -35.44 16.37 -0.09
CA ARG D 37 -34.62 15.34 -0.73
C ARG D 37 -34.28 14.15 0.16
N ARG D 38 -34.13 12.98 -0.46
CA ARG D 38 -33.80 11.73 0.24
C ARG D 38 -32.46 11.13 -0.16
N ILE D 39 -31.62 10.87 0.85
CA ILE D 39 -30.31 10.30 0.64
C ILE D 39 -30.31 8.84 1.09
N ILE D 40 -29.64 7.99 0.31
CA ILE D 40 -29.55 6.58 0.62
C ILE D 40 -28.12 6.08 0.42
N LEU D 41 -27.50 5.63 1.50
CA LEU D 41 -26.13 5.12 1.48
C LEU D 41 -26.16 3.62 1.74
N SER D 42 -25.53 2.86 0.86
CA SER D 42 -25.53 1.40 0.95
C SER D 42 -24.18 0.72 1.13
N ARG D 43 -24.25 -0.54 1.57
CA ARG D 43 -23.07 -1.38 1.76
C ARG D 43 -22.01 -0.82 2.72
N LEU D 44 -22.45 -0.38 3.89
CA LEU D 44 -21.55 0.20 4.86
C LEU D 44 -20.89 -0.76 5.87
N LYS D 45 -19.60 -0.52 6.11
CA LYS D 45 -18.82 -1.32 7.05
C LYS D 45 -19.32 -0.96 8.44
N ALA D 46 -18.77 -1.62 9.45
CA ALA D 46 -19.17 -1.37 10.83
C ALA D 46 -18.76 0.04 11.21
N GLY D 47 -19.64 0.74 11.92
CA GLY D 47 -19.35 2.09 12.36
C GLY D 47 -19.58 3.18 11.33
N GLU D 48 -19.65 2.82 10.06
CA GLU D 48 -19.83 3.80 9.01
C GLU D 48 -21.18 4.47 9.05
N VAL D 49 -22.22 3.73 9.44
CA VAL D 49 -23.55 4.29 9.50
C VAL D 49 -23.55 5.52 10.43
N ASP D 50 -23.22 5.31 11.71
CA ASP D 50 -23.20 6.41 12.67
C ASP D 50 -22.24 7.52 12.24
N LEU D 51 -21.07 7.14 11.74
CA LEU D 51 -20.07 8.09 11.29
C LEU D 51 -20.62 9.02 10.21
N LEU D 52 -21.20 8.44 9.17
CA LEU D 52 -21.76 9.20 8.06
C LEU D 52 -22.95 10.09 8.46
N GLU D 53 -23.66 9.70 9.51
CA GLU D 53 -24.78 10.51 9.97
C GLU D 53 -24.13 11.79 10.47
N GLU D 54 -23.06 11.62 11.25
CA GLU D 54 -22.32 12.73 11.81
C GLU D 54 -21.77 13.65 10.71
N GLU D 55 -21.22 13.05 9.65
CA GLU D 55 -20.66 13.82 8.56
C GLU D 55 -21.76 14.65 7.94
N LEU D 56 -22.93 14.03 7.77
CA LEU D 56 -24.06 14.74 7.19
C LEU D 56 -24.53 15.87 8.09
N GLY D 57 -24.42 15.65 9.40
CA GLY D 57 -24.82 16.64 10.36
C GLY D 57 -23.99 17.91 10.30
N HIS D 58 -22.79 17.78 9.73
CA HIS D 58 -21.87 18.90 9.58
C HIS D 58 -22.21 19.75 8.37
N LEU D 59 -22.77 19.12 7.35
CA LEU D 59 -23.13 19.78 6.11
C LEU D 59 -24.57 20.24 6.09
N THR D 60 -25.39 19.73 7.01
CA THR D 60 -26.80 20.08 7.00
C THR D 60 -27.58 19.56 8.21
N THR D 61 -28.91 19.59 8.06
CA THR D 61 -29.83 19.14 9.09
C THR D 61 -30.69 18.06 8.42
N LEU D 62 -30.72 16.88 9.03
CA LEU D 62 -31.46 15.74 8.49
C LEU D 62 -32.73 15.46 9.25
N THR D 63 -33.69 14.85 8.58
CA THR D 63 -34.96 14.44 9.20
C THR D 63 -35.33 13.04 8.69
N ASP D 64 -36.12 12.30 9.46
CA ASP D 64 -36.56 10.97 9.08
C ASP D 64 -35.34 10.07 8.83
N VAL D 65 -34.44 10.07 9.80
CA VAL D 65 -33.22 9.29 9.72
C VAL D 65 -33.50 7.80 9.95
N VAL D 66 -33.14 6.96 8.98
CA VAL D 66 -33.34 5.53 9.10
C VAL D 66 -31.99 4.83 9.09
N LYS D 67 -31.70 4.12 10.18
CA LYS D 67 -30.42 3.44 10.27
C LYS D 67 -30.55 1.92 10.18
N GLY D 68 -30.00 1.37 9.10
CA GLY D 68 -30.05 -0.05 8.89
C GLY D 68 -28.76 -0.70 9.35
N ALA D 69 -28.68 -2.02 9.21
CA ALA D 69 -27.50 -2.75 9.60
C ALA D 69 -26.29 -2.26 8.80
N ASP D 70 -26.51 -1.99 7.52
CA ASP D 70 -25.44 -1.50 6.66
C ASP D 70 -25.91 -0.40 5.71
N SER D 71 -26.92 0.35 6.11
CA SER D 71 -27.45 1.44 5.28
C SER D 71 -27.96 2.66 6.08
N LEU D 72 -27.92 3.83 5.43
CA LEU D 72 -28.41 5.05 6.07
C LEU D 72 -29.25 5.82 5.05
N SER D 73 -30.40 6.27 5.50
CA SER D 73 -31.31 7.04 4.66
C SER D 73 -31.86 8.20 5.47
N ALA D 74 -32.02 9.35 4.81
CA ALA D 74 -32.53 10.52 5.49
C ALA D 74 -33.12 11.55 4.52
N ILE D 75 -33.79 12.54 5.09
CA ILE D 75 -34.39 13.65 4.34
C ILE D 75 -33.55 14.92 4.47
N LEU D 76 -33.00 15.35 3.34
CA LEU D 76 -32.15 16.54 3.26
C LEU D 76 -32.91 17.70 2.65
N PRO D 77 -32.69 18.93 3.14
CA PRO D 77 -33.39 20.10 2.60
C PRO D 77 -32.95 20.30 1.14
N GLY D 78 -33.81 20.91 0.33
CA GLY D 78 -33.44 21.14 -1.06
C GLY D 78 -32.26 22.09 -1.27
N ASP D 79 -32.02 22.97 -0.30
CA ASP D 79 -30.94 23.97 -0.39
C ASP D 79 -29.51 23.43 -0.56
N ILE D 80 -29.23 22.26 0.01
CA ILE D 80 -27.91 21.62 -0.09
C ILE D 80 -27.58 21.25 -1.53
N ALA D 81 -26.29 21.09 -1.84
CA ALA D 81 -25.89 20.72 -3.18
C ALA D 81 -25.42 19.27 -3.10
N GLU D 82 -25.91 18.45 -4.03
CA GLU D 82 -25.57 17.02 -4.05
C GLU D 82 -24.08 16.68 -4.12
N ASP D 83 -23.39 17.25 -5.11
CA ASP D 83 -21.97 16.97 -5.30
C ASP D 83 -21.06 17.39 -4.15
N ASP D 84 -21.47 18.39 -3.39
CA ASP D 84 -20.66 18.81 -2.25
C ASP D 84 -20.72 17.64 -1.27
N ILE D 85 -21.94 17.18 -1.03
CA ILE D 85 -22.20 16.05 -0.15
C ILE D 85 -21.49 14.81 -0.70
N THR D 86 -21.59 14.60 -2.01
CA THR D 86 -20.97 13.44 -2.61
C THR D 86 -19.47 13.43 -2.35
N ALA D 87 -18.81 14.56 -2.65
CA ALA D 87 -17.36 14.65 -2.47
C ALA D 87 -16.95 14.53 -1.02
N VAL D 88 -17.69 15.18 -0.11
CA VAL D 88 -17.37 15.10 1.31
C VAL D 88 -17.49 13.67 1.76
N LEU D 89 -18.57 13.02 1.35
CA LEU D 89 -18.83 11.62 1.71
C LEU D 89 -17.83 10.64 1.08
N CYS D 90 -17.25 11.02 -0.05
CA CYS D 90 -16.29 10.13 -0.66
C CYS D 90 -14.94 10.06 0.05
N PHE D 91 -14.83 10.73 1.19
CA PHE D 91 -13.61 10.65 1.99
C PHE D 91 -13.61 9.26 2.60
N VAL D 92 -14.82 8.72 2.80
CA VAL D 92 -14.99 7.41 3.44
C VAL D 92 -15.43 6.27 2.53
N ILE D 93 -16.44 6.52 1.70
CA ILE D 93 -16.99 5.49 0.84
C ILE D 93 -16.81 5.76 -0.64
N GLU D 94 -17.20 4.80 -1.47
CA GLU D 94 -17.09 4.98 -2.92
C GLU D 94 -18.40 5.63 -3.42
N ALA D 95 -18.32 6.32 -4.55
CA ALA D 95 -19.46 7.02 -5.14
C ALA D 95 -20.71 6.18 -5.36
N ASP D 96 -20.53 4.96 -5.87
CA ASP D 96 -21.67 4.07 -6.14
C ASP D 96 -22.48 3.65 -4.90
N GLN D 97 -22.01 4.01 -3.72
CA GLN D 97 -22.71 3.68 -2.49
C GLN D 97 -23.69 4.81 -2.18
N ILE D 98 -23.64 5.86 -2.99
CA ILE D 98 -24.50 7.02 -2.79
C ILE D 98 -25.65 7.13 -3.79
N THR D 99 -26.82 7.50 -3.26
CA THR D 99 -28.03 7.65 -4.05
C THR D 99 -28.94 8.74 -3.46
N PHE D 100 -29.35 9.67 -4.33
CA PHE D 100 -30.25 10.76 -3.99
C PHE D 100 -31.56 10.65 -4.76
N GLU D 101 -32.68 10.80 -4.07
CA GLU D 101 -33.98 10.76 -4.73
C GLU D 101 -35.02 11.64 -4.04
N THR D 102 -36.18 11.77 -4.67
CA THR D 102 -37.27 12.61 -4.13
C THR D 102 -38.34 11.85 -3.34
N VAL D 103 -39.01 12.61 -2.47
CA VAL D 103 -40.06 12.08 -1.62
C VAL D 103 -41.45 12.50 -2.12
#